data_5LNP
#
_entry.id   5LNP
#
_cell.length_a   61.583
_cell.length_b   60.181
_cell.length_c   66.292
_cell.angle_alpha   90.00
_cell.angle_beta   117.71
_cell.angle_gamma   90.00
#
_symmetry.space_group_name_H-M   'P 1 21 1'
#
loop_
_entity.id
_entity.type
_entity.pdbx_description
1 polymer 'Segment polarity protein dishevelled homolog DVL-2'
2 polymer 'Segment polarity protein dishevelled homolog DVL-2'
3 non-polymer 'SULFATE ION'
4 water water
#
loop_
_entity_poly.entity_id
_entity_poly.type
_entity_poly.pdbx_seq_one_letter_code
_entity_poly.pdbx_strand_id
1 'polypeptide(L)'
;SSGLSVHTDMASVTKAMAAPESGLEVRDRMWLKITIPNAFLGSDVVDWLYHHVEGFPERREARKYASGLLKAGLIRHTVN
KITFSEQ(CSO)YYVFGDLSG
;
A,C,D
2 'polypeptide(L)'
;SSGLSVHTDMASVTKAMAAPESGLEVRDRMWLKITIPNAFLGSDVVDWLYHHVEGFPERREARKYASGLLKAGLIRHTVN
KITFSEQCYYVFGDLSG
;
B
#
loop_
_chem_comp.id
_chem_comp.type
_chem_comp.name
_chem_comp.formula
SO4 non-polymer 'SULFATE ION' 'O4 S -2'
#
# COMPACT_ATOMS: atom_id res chain seq x y z
N SER A 2 18.66 4.83 32.58
CA SER A 2 19.31 5.63 33.64
C SER A 2 20.63 6.29 33.17
N GLY A 3 21.53 5.54 32.53
CA GLY A 3 22.89 6.03 32.21
C GLY A 3 23.09 7.05 31.07
N LEU A 4 22.00 7.32 30.33
CA LEU A 4 21.90 8.36 29.29
C LEU A 4 20.84 9.37 29.66
N SER A 5 21.15 10.65 29.57
CA SER A 5 20.15 11.69 29.84
C SER A 5 20.35 12.88 28.88
N VAL A 6 19.57 13.95 29.02
CA VAL A 6 19.80 15.20 28.23
C VAL A 6 21.19 15.93 28.36
N HIS A 7 21.95 15.58 29.40
CA HIS A 7 23.29 16.13 29.68
C HIS A 7 24.39 15.42 28.91
N THR A 8 24.08 14.23 28.39
CA THR A 8 25.05 13.44 27.65
C THR A 8 25.39 14.03 26.28
N ASP A 9 26.65 13.79 25.90
CA ASP A 9 27.22 14.07 24.57
C ASP A 9 26.20 13.59 23.51
N MET A 10 25.76 14.47 22.61
CA MET A 10 24.91 14.02 21.48
C MET A 10 25.47 12.83 20.65
N ALA A 11 26.75 12.87 20.27
CA ALA A 11 27.34 11.80 19.44
C ALA A 11 27.39 10.47 20.18
N SER A 12 27.62 10.52 21.49
CA SER A 12 27.65 9.30 22.31
C SER A 12 26.27 8.67 22.43
N VAL A 13 25.24 9.51 22.53
CA VAL A 13 23.87 9.02 22.57
C VAL A 13 23.52 8.32 21.24
N THR A 14 23.98 8.88 20.13
CA THR A 14 23.69 8.34 18.79
C THR A 14 24.44 7.03 18.55
N LYS A 15 25.74 6.98 18.93
CA LYS A 15 26.53 5.72 18.87
C LYS A 15 25.97 4.58 19.76
N ALA A 16 25.30 4.91 20.86
CA ALA A 16 24.55 3.90 21.68
C ALA A 16 23.25 3.38 21.00
N MET A 17 22.50 4.32 20.44
CA MET A 17 21.36 3.96 19.63
C MET A 17 21.80 3.06 18.46
N ALA A 18 22.93 3.34 17.81
CA ALA A 18 23.44 2.52 16.69
C ALA A 18 24.04 1.20 17.04
N ALA A 19 24.30 0.92 18.30
CA ALA A 19 25.02 -0.33 18.57
C ALA A 19 24.10 -1.55 18.39
N PRO A 20 24.68 -2.73 18.17
CA PRO A 20 23.91 -3.96 18.27
C PRO A 20 23.22 -4.10 19.64
N GLU A 21 21.98 -4.55 19.58
CA GLU A 21 21.15 -4.87 20.74
C GLU A 21 20.72 -3.62 21.51
N SER A 22 20.70 -2.44 20.87
CA SER A 22 20.27 -1.20 21.53
C SER A 22 18.79 -1.07 21.86
N GLY A 23 17.96 -1.89 21.21
CA GLY A 23 16.51 -1.78 21.27
C GLY A 23 15.95 -0.98 20.11
N LEU A 24 16.82 -0.45 19.23
CA LEU A 24 16.32 0.40 18.15
C LEU A 24 15.76 -0.53 17.05
N GLU A 25 14.47 -0.38 16.84
CA GLU A 25 13.73 -1.05 15.78
C GLU A 25 14.35 -0.68 14.44
N VAL A 26 15.08 -1.63 13.85
CA VAL A 26 15.58 -1.47 12.47
C VAL A 26 15.05 -2.57 11.56
N ARG A 27 15.24 -2.36 10.25
CA ARG A 27 15.02 -3.42 9.22
C ARG A 27 15.68 -3.04 7.87
N ASP A 28 15.66 -4.00 6.94
CA ASP A 28 16.45 -3.92 5.71
C ASP A 28 15.75 -3.32 4.47
N ARG A 29 14.44 -3.05 4.56
CA ARG A 29 13.71 -2.43 3.44
C ARG A 29 13.03 -1.13 3.83
N MET A 30 12.99 -0.20 2.87
CA MET A 30 12.20 1.03 2.96
C MET A 30 11.31 1.17 1.71
N TRP A 31 10.28 2.00 1.86
CA TRP A 31 9.35 2.30 0.81
C TRP A 31 9.47 3.77 0.48
N LEU A 32 9.55 4.10 -0.81
CA LEU A 32 9.57 5.47 -1.28
C LEU A 32 8.29 5.76 -2.09
N LYS A 33 7.65 6.90 -1.85
CA LYS A 33 6.52 7.32 -2.67
C LYS A 33 7.02 8.30 -3.70
N ILE A 34 6.67 8.04 -4.95
CA ILE A 34 7.02 8.94 -6.03
C ILE A 34 5.76 9.40 -6.69
N THR A 35 5.72 10.68 -7.05
CA THR A 35 4.56 11.25 -7.78
C THR A 35 4.69 11.03 -9.30
N ILE A 36 4.10 9.93 -9.79
CA ILE A 36 4.09 9.67 -11.25
C ILE A 36 2.67 9.89 -11.77
N PRO A 37 2.45 10.82 -12.72
CA PRO A 37 1.03 10.94 -13.18
C PRO A 37 0.49 9.66 -13.84
N ASN A 38 -0.74 9.30 -13.49
CA ASN A 38 -1.54 8.26 -14.20
C ASN A 38 -0.89 6.90 -14.14
N ALA A 39 -0.35 6.53 -12.97
CA ALA A 39 0.28 5.20 -12.81
C ALA A 39 -0.75 4.25 -12.27
N PHE A 40 -0.51 2.96 -12.48
CA PHE A 40 -1.44 1.93 -12.10
C PHE A 40 -0.73 0.61 -11.75
N LEU A 41 -1.43 -0.18 -10.95
CA LEU A 41 -0.92 -1.44 -10.46
C LEU A 41 -1.16 -2.51 -11.50
N GLY A 42 -0.20 -3.41 -11.67
CA GLY A 42 -0.43 -4.58 -12.56
C GLY A 42 -1.67 -5.37 -12.16
N SER A 43 -1.93 -5.48 -10.86
CA SER A 43 -3.10 -6.26 -10.42
C SER A 43 -4.43 -5.65 -10.89
N ASP A 44 -4.53 -4.32 -10.90
CA ASP A 44 -5.68 -3.62 -11.41
C ASP A 44 -5.88 -3.78 -12.96
N VAL A 45 -4.78 -3.92 -13.70
CA VAL A 45 -4.81 -4.16 -15.18
C VAL A 45 -5.45 -5.51 -15.38
N VAL A 46 -4.98 -6.47 -14.57
CA VAL A 46 -5.49 -7.85 -14.62
C VAL A 46 -6.97 -7.92 -14.19
N ASP A 47 -7.33 -7.20 -13.12
CA ASP A 47 -8.75 -7.04 -12.74
C ASP A 47 -9.56 -6.45 -13.92
N TRP A 48 -9.09 -5.37 -14.56
CA TRP A 48 -9.85 -4.74 -15.65
C TRP A 48 -10.09 -5.65 -16.90
N LEU A 49 -9.02 -6.25 -17.42
CA LEU A 49 -9.07 -7.27 -18.47
C LEU A 49 -10.05 -8.40 -18.16
N TYR A 50 -9.87 -9.09 -17.04
CA TYR A 50 -10.71 -10.27 -16.72
C TYR A 50 -12.18 -9.88 -16.51
N HIS A 51 -12.41 -8.65 -16.08
CA HIS A 51 -13.77 -8.12 -15.96
C HIS A 51 -14.43 -7.61 -17.26
N HIS A 52 -13.66 -7.20 -18.25
CA HIS A 52 -14.21 -6.48 -19.41
C HIS A 52 -13.93 -7.12 -20.83
N VAL A 53 -13.11 -8.14 -20.90
CA VAL A 53 -12.67 -8.66 -22.15
C VAL A 53 -13.10 -10.13 -22.18
N GLU A 54 -14.05 -10.45 -23.02
CA GLU A 54 -14.54 -11.83 -23.06
C GLU A 54 -13.54 -12.73 -23.71
N GLY A 55 -13.58 -14.00 -23.35
CA GLY A 55 -12.69 -15.00 -23.88
C GLY A 55 -11.63 -15.53 -22.95
N PHE A 56 -11.68 -15.21 -21.66
CA PHE A 56 -10.67 -15.69 -20.71
C PHE A 56 -11.35 -16.78 -19.86
N PRO A 57 -10.87 -18.05 -19.90
CA PRO A 57 -11.50 -19.06 -19.03
C PRO A 57 -11.12 -18.98 -17.52
N GLU A 58 -9.87 -18.61 -17.20
CA GLU A 58 -9.45 -18.32 -15.85
C GLU A 58 -8.57 -17.06 -15.82
N ARG A 59 -8.40 -16.53 -14.61
CA ARG A 59 -7.73 -15.26 -14.40
C ARG A 59 -6.32 -15.29 -14.96
N ARG A 60 -5.68 -16.47 -14.96
CA ARG A 60 -4.33 -16.64 -15.47
C ARG A 60 -4.13 -16.29 -16.95
N GLU A 61 -5.14 -16.50 -17.80
CA GLU A 61 -5.05 -16.06 -19.19
C GLU A 61 -5.11 -14.54 -19.28
N ALA A 62 -5.90 -13.91 -18.43
CA ALA A 62 -5.85 -12.43 -18.30
C ALA A 62 -4.47 -11.91 -17.83
N ARG A 63 -3.83 -12.50 -16.80
CA ARG A 63 -2.44 -12.15 -16.44
C ARG A 63 -1.48 -12.39 -17.58
N LYS A 64 -1.63 -13.51 -18.33
CA LYS A 64 -0.72 -13.75 -19.47
C LYS A 64 -0.89 -12.70 -20.59
N TYR A 65 -2.11 -12.21 -20.76
CA TYR A 65 -2.38 -11.20 -21.76
C TYR A 65 -1.73 -9.88 -21.32
N ALA A 66 -1.96 -9.48 -20.08
CA ALA A 66 -1.23 -8.33 -19.46
C ALA A 66 0.27 -8.46 -19.70
N SER A 67 0.84 -9.64 -19.46
CA SER A 67 2.27 -9.89 -19.80
C SER A 67 2.60 -9.48 -21.25
N GLY A 68 1.74 -9.86 -22.19
CA GLY A 68 1.94 -9.57 -23.63
C GLY A 68 1.84 -8.08 -23.96
N LEU A 69 0.99 -7.38 -23.23
CA LEU A 69 0.91 -5.92 -23.37
C LEU A 69 2.25 -5.29 -23.00
N LEU A 70 2.89 -5.72 -21.91
CA LEU A 70 4.22 -5.21 -21.54
C LEU A 70 5.25 -5.56 -22.64
N LYS A 71 5.21 -6.79 -23.15
CA LYS A 71 6.20 -7.18 -24.18
C LYS A 71 6.07 -6.33 -25.40
N ALA A 72 4.83 -6.02 -25.76
CA ALA A 72 4.54 -5.17 -26.87
C ALA A 72 4.81 -3.68 -26.65
N GLY A 73 5.23 -3.23 -25.46
CA GLY A 73 5.39 -1.78 -25.20
C GLY A 73 4.14 -0.94 -25.07
N LEU A 74 2.97 -1.58 -24.96
CA LEU A 74 1.69 -0.85 -24.80
C LEU A 74 1.44 -0.39 -23.32
N ILE A 75 1.94 -1.16 -22.38
CA ILE A 75 2.23 -0.65 -21.03
C ILE A 75 3.72 -0.74 -20.78
N ARG A 76 4.18 0.02 -19.77
CA ARG A 76 5.61 0.18 -19.46
C ARG A 76 5.91 0.17 -17.95
N HIS A 77 7.02 -0.46 -17.57
CA HIS A 77 7.51 -0.45 -16.19
C HIS A 77 7.85 0.99 -15.72
N THR A 78 7.64 1.28 -14.44
CA THR A 78 8.13 2.53 -13.89
C THR A 78 9.64 2.45 -13.61
N VAL A 79 10.21 1.29 -13.29
CA VAL A 79 11.67 1.13 -13.10
C VAL A 79 12.18 -0.06 -13.90
N ASN A 80 13.46 -0.01 -14.23
CA ASN A 80 14.07 -0.98 -15.15
C ASN A 80 13.80 -2.43 -14.70
N LYS A 81 12.87 -3.10 -15.39
CA LYS A 81 12.47 -4.45 -15.06
C LYS A 81 12.10 -5.21 -16.33
N ILE A 82 12.43 -6.50 -16.40
CA ILE A 82 12.11 -7.26 -17.61
C ILE A 82 10.68 -7.74 -17.44
N THR A 83 10.47 -8.69 -16.52
CA THR A 83 9.24 -9.45 -16.48
C THR A 83 8.12 -8.70 -15.78
N PHE A 84 6.90 -9.07 -16.17
CA PHE A 84 5.67 -8.55 -15.61
C PHE A 84 5.43 -9.08 -14.19
N SER A 85 4.97 -8.21 -13.27
CA SER A 85 4.40 -8.62 -11.98
C SER A 85 3.17 -7.80 -11.56
N GLU A 86 2.25 -8.42 -10.82
CA GLU A 86 1.04 -7.75 -10.39
C GLU A 86 1.26 -6.69 -9.30
N GLN A 87 2.35 -6.82 -8.54
CA GLN A 87 2.68 -5.91 -7.46
C GLN A 87 3.42 -4.67 -7.89
N CSO A 88 3.88 -4.59 -9.16
CA CSO A 88 4.66 -3.45 -9.70
CB CSO A 88 5.64 -3.93 -10.78
SG CSO A 88 6.98 -4.92 -10.19
C CSO A 88 3.78 -2.33 -10.25
O CSO A 88 2.58 -2.48 -10.35
OD CSO A 88 7.73 -4.13 -8.80
N TYR A 89 4.37 -1.18 -10.57
CA TYR A 89 3.60 -0.06 -11.07
C TYR A 89 3.95 0.21 -12.53
N TYR A 90 2.95 0.62 -13.29
CA TYR A 90 3.00 0.71 -14.72
C TYR A 90 2.36 1.99 -15.16
N VAL A 91 2.82 2.46 -16.32
CA VAL A 91 2.24 3.57 -17.07
C VAL A 91 1.92 3.08 -18.50
N PHE A 92 1.01 3.79 -19.17
CA PHE A 92 0.72 3.49 -20.61
C PHE A 92 1.88 3.91 -21.48
N GLY A 93 2.17 3.13 -22.53
CA GLY A 93 3.11 3.55 -23.61
C GLY A 93 2.57 4.61 -24.58
N ASP A 94 3.20 4.76 -25.76
CA ASP A 94 2.77 5.72 -26.81
C ASP A 94 1.53 5.16 -27.48
N LEU A 95 0.42 5.88 -27.41
CA LEU A 95 -0.86 5.42 -27.97
C LEU A 95 -1.45 6.44 -28.94
N SER B 2 -19.06 -7.94 -23.42
CA SER B 2 -19.52 -8.34 -24.77
C SER B 2 -18.53 -7.80 -25.83
N GLY B 3 -18.51 -6.47 -26.03
CA GLY B 3 -17.86 -5.78 -27.15
C GLY B 3 -16.36 -5.88 -27.39
N LEU B 4 -15.62 -6.27 -26.37
CA LEU B 4 -14.20 -6.52 -26.47
C LEU B 4 -14.11 -8.00 -26.13
N SER B 5 -13.16 -8.68 -26.75
CA SER B 5 -12.90 -10.07 -26.44
C SER B 5 -11.43 -10.36 -26.79
N VAL B 6 -11.03 -11.63 -26.73
CA VAL B 6 -9.69 -11.99 -27.19
C VAL B 6 -9.39 -11.83 -28.68
N HIS B 7 -10.36 -11.46 -29.51
CA HIS B 7 -10.16 -11.31 -30.99
C HIS B 7 -9.90 -9.87 -31.42
N THR B 8 -10.33 -8.89 -30.61
CA THR B 8 -10.01 -7.49 -30.79
C THR B 8 -8.49 -7.33 -30.86
N ASP B 9 -7.97 -6.41 -31.68
CA ASP B 9 -6.51 -6.16 -31.66
C ASP B 9 -6.06 -5.58 -30.28
N MET B 10 -4.85 -5.97 -29.88
CA MET B 10 -4.32 -5.54 -28.56
C MET B 10 -4.27 -4.03 -28.37
N ALA B 11 -3.85 -3.33 -29.41
CA ALA B 11 -3.70 -1.88 -29.33
C ALA B 11 -5.02 -1.16 -28.94
N SER B 12 -6.15 -1.61 -29.50
CA SER B 12 -7.48 -1.01 -29.21
C SER B 12 -8.05 -1.27 -27.79
N VAL B 13 -7.77 -2.47 -27.28
CA VAL B 13 -8.15 -2.89 -25.96
C VAL B 13 -7.37 -1.99 -25.01
N THR B 14 -6.08 -1.79 -25.23
CA THR B 14 -5.27 -0.90 -24.38
C THR B 14 -5.83 0.53 -24.40
N LYS B 15 -6.17 1.06 -25.57
CA LYS B 15 -6.75 2.41 -25.65
C LYS B 15 -8.08 2.49 -24.92
N ALA B 16 -8.87 1.42 -24.93
CA ALA B 16 -10.12 1.33 -24.15
C ALA B 16 -9.82 1.40 -22.65
N MET B 17 -8.92 0.54 -22.17
CA MET B 17 -8.45 0.60 -20.76
C MET B 17 -7.92 1.97 -20.42
N ALA B 18 -7.28 2.64 -21.35
CA ALA B 18 -6.75 4.00 -21.10
C ALA B 18 -7.75 5.15 -21.06
N ALA B 19 -8.95 5.00 -21.63
CA ALA B 19 -9.82 6.19 -21.85
C ALA B 19 -10.45 6.72 -20.54
N PRO B 20 -10.88 8.00 -20.51
CA PRO B 20 -11.42 8.44 -19.20
C PRO B 20 -12.64 7.62 -18.86
N GLU B 21 -12.86 7.47 -17.56
CA GLU B 21 -13.97 6.69 -17.03
C GLU B 21 -14.08 5.23 -17.51
N SER B 22 -12.98 4.65 -18.01
CA SER B 22 -12.96 3.23 -18.46
C SER B 22 -13.22 2.13 -17.42
N GLY B 23 -13.06 2.47 -16.13
CA GLY B 23 -13.09 1.49 -15.04
C GLY B 23 -11.74 1.28 -14.37
N LEU B 24 -10.64 1.56 -15.09
CA LEU B 24 -9.30 1.34 -14.53
C LEU B 24 -8.93 2.28 -13.31
N GLU B 25 -8.53 1.68 -12.19
CA GLU B 25 -7.97 2.53 -11.10
C GLU B 25 -6.67 3.18 -11.54
N VAL B 26 -6.67 4.52 -11.67
CA VAL B 26 -5.49 5.30 -12.05
C VAL B 26 -5.25 6.43 -11.01
N ARG B 27 -4.09 6.38 -10.34
CA ARG B 27 -3.73 7.35 -9.29
C ARG B 27 -2.36 7.95 -9.58
N ASP B 28 -2.10 9.13 -9.01
CA ASP B 28 -0.87 9.91 -9.28
C ASP B 28 0.30 9.59 -8.31
N ARG B 29 0.56 8.31 -8.09
CA ARG B 29 1.66 7.87 -7.22
C ARG B 29 2.14 6.45 -7.54
N MET B 30 3.32 6.17 -7.02
CA MET B 30 3.93 4.86 -7.08
C MET B 30 4.72 4.72 -5.75
N TRP B 31 4.78 3.49 -5.23
CA TRP B 31 5.48 3.14 -4.01
C TRP B 31 6.57 2.16 -4.47
N LEU B 32 7.86 2.48 -4.25
CA LEU B 32 8.99 1.58 -4.60
C LEU B 32 9.67 1.09 -3.34
N LYS B 33 10.03 -0.20 -3.32
CA LYS B 33 10.66 -0.81 -2.18
C LYS B 33 12.15 -0.87 -2.45
N ILE B 34 12.94 -0.30 -1.55
CA ILE B 34 14.36 -0.30 -1.73
C ILE B 34 14.96 -1.13 -0.60
N THR B 35 15.94 -1.95 -0.92
CA THR B 35 16.67 -2.71 0.08
C THR B 35 17.89 -1.87 0.58
N ILE B 36 17.74 -1.23 1.74
CA ILE B 36 18.80 -0.44 2.39
C ILE B 36 18.97 -1.02 3.80
N PRO B 37 19.97 -1.90 4.02
CA PRO B 37 20.12 -2.45 5.39
C PRO B 37 20.33 -1.37 6.47
N ASN B 38 19.71 -1.57 7.64
CA ASN B 38 19.91 -0.78 8.88
C ASN B 38 19.30 0.62 8.84
N ALA B 39 18.22 0.75 8.07
CA ALA B 39 17.42 1.97 8.03
C ALA B 39 16.42 1.92 9.14
N PHE B 40 15.81 3.07 9.44
CA PHE B 40 14.77 3.17 10.44
C PHE B 40 13.89 4.42 10.25
N LEU B 41 12.68 4.36 10.80
CA LEU B 41 11.74 5.46 10.78
C LEU B 41 12.05 6.51 11.88
N GLY B 42 11.75 7.76 11.54
CA GLY B 42 11.81 8.87 12.49
C GLY B 42 11.09 8.49 13.78
N SER B 43 9.88 7.97 13.65
CA SER B 43 9.08 7.50 14.80
C SER B 43 9.78 6.44 15.73
N ASP B 44 10.67 5.62 15.16
CA ASP B 44 11.43 4.63 15.92
C ASP B 44 12.59 5.33 16.69
N VAL B 45 13.25 6.32 16.07
CA VAL B 45 14.25 7.17 16.76
C VAL B 45 13.62 7.97 17.91
N VAL B 46 12.47 8.57 17.63
CA VAL B 46 11.78 9.36 18.65
C VAL B 46 11.42 8.48 19.86
N ASP B 47 10.78 7.32 19.60
CA ASP B 47 10.54 6.29 20.61
C ASP B 47 11.77 5.92 21.46
N TRP B 48 12.85 5.51 20.78
CA TRP B 48 14.04 5.04 21.46
C TRP B 48 14.58 6.14 22.42
N LEU B 49 14.62 7.39 22.00
CA LEU B 49 15.13 8.49 22.84
C LEU B 49 14.25 8.79 24.08
N TYR B 50 12.92 8.83 23.86
CA TYR B 50 11.96 9.05 24.94
C TYR B 50 12.09 7.97 26.01
N HIS B 51 12.18 6.71 25.59
CA HIS B 51 12.30 5.62 26.54
C HIS B 51 13.75 5.30 27.03
N HIS B 52 14.81 5.80 26.41
CA HIS B 52 16.19 5.44 26.89
C HIS B 52 17.05 6.54 27.43
N VAL B 53 16.61 7.78 27.34
CA VAL B 53 17.39 8.97 27.62
C VAL B 53 16.59 9.79 28.61
N GLU B 54 17.11 9.92 29.84
CA GLU B 54 16.41 10.61 30.93
C GLU B 54 16.31 12.13 30.77
N GLY B 55 15.25 12.74 31.29
CA GLY B 55 15.18 14.20 31.34
C GLY B 55 14.24 14.90 30.37
N PHE B 56 13.66 14.15 29.43
CA PHE B 56 12.63 14.74 28.55
C PHE B 56 11.33 14.98 29.39
N PRO B 57 10.85 16.24 29.46
CA PRO B 57 9.52 16.40 30.11
C PRO B 57 8.36 15.68 29.35
N GLU B 58 8.43 15.63 28.00
CA GLU B 58 7.46 14.87 27.20
C GLU B 58 8.00 14.47 25.82
N ARG B 59 7.18 13.73 25.06
CA ARG B 59 7.59 13.15 23.78
C ARG B 59 7.96 14.22 22.76
N ARG B 60 7.31 15.37 22.79
CA ARG B 60 7.63 16.44 21.80
C ARG B 60 9.10 16.96 21.92
N GLU B 61 9.67 16.87 23.12
CA GLU B 61 11.07 17.22 23.33
C GLU B 61 11.99 16.10 22.84
N ALA B 62 11.60 14.83 23.04
CA ALA B 62 12.27 13.73 22.31
C ALA B 62 12.26 13.89 20.76
N ARG B 63 11.19 14.46 20.21
CA ARG B 63 11.12 14.75 18.77
C ARG B 63 12.04 15.90 18.34
N LYS B 64 12.11 16.97 19.15
CA LYS B 64 13.08 18.07 18.90
C LYS B 64 14.55 17.59 18.92
N TYR B 65 14.82 16.59 19.75
CA TYR B 65 16.18 16.07 19.94
C TYR B 65 16.52 15.23 18.72
N ALA B 66 15.61 14.34 18.33
CA ALA B 66 15.76 13.63 17.00
C ALA B 66 16.07 14.64 15.86
N SER B 67 15.37 15.78 15.87
CA SER B 67 15.56 16.85 14.87
C SER B 67 16.94 17.49 14.86
N GLY B 68 17.49 17.78 16.03
CA GLY B 68 18.86 18.25 16.17
C GLY B 68 19.88 17.20 15.76
N LEU B 69 19.62 15.91 15.98
CA LEU B 69 20.53 14.86 15.41
C LEU B 69 20.64 14.93 13.85
N LEU B 70 19.57 15.26 13.15
CA LEU B 70 19.59 15.40 11.66
C LEU B 70 20.38 16.62 11.24
N LYS B 71 20.11 17.74 11.92
CA LYS B 71 20.86 18.97 11.67
C LYS B 71 22.35 18.77 11.90
N ALA B 72 22.70 18.03 12.96
CA ALA B 72 24.11 17.72 13.25
C ALA B 72 24.74 16.70 12.32
N GLY B 73 23.94 16.06 11.46
CA GLY B 73 24.40 14.99 10.57
C GLY B 73 24.69 13.68 11.26
N LEU B 74 24.07 13.41 12.43
CA LEU B 74 24.32 12.12 13.13
C LEU B 74 23.34 11.02 12.69
N ILE B 75 22.21 11.44 12.13
CA ILE B 75 21.35 10.60 11.26
C ILE B 75 21.19 11.40 9.96
N ARG B 76 20.90 10.70 8.85
CA ARG B 76 20.71 11.30 7.51
C ARG B 76 19.41 10.80 6.86
N HIS B 77 18.77 11.70 6.13
CA HIS B 77 17.66 11.37 5.24
C HIS B 77 18.13 10.40 4.14
N THR B 78 17.22 9.56 3.64
CA THR B 78 17.55 8.59 2.58
C THR B 78 17.37 9.25 1.17
N VAL B 79 16.46 10.19 1.02
CA VAL B 79 16.40 11.05 -0.17
C VAL B 79 16.51 12.46 0.33
N ASN B 80 16.93 13.39 -0.52
CA ASN B 80 17.33 14.70 -0.01
C ASN B 80 16.16 15.53 0.53
N LYS B 81 16.12 15.68 1.85
CA LYS B 81 15.14 16.51 2.52
C LYS B 81 15.80 17.31 3.62
N ILE B 82 15.27 18.51 3.84
CA ILE B 82 15.79 19.38 4.89
C ILE B 82 15.19 18.98 6.23
N THR B 83 13.88 19.06 6.36
CA THR B 83 13.25 19.02 7.67
C THR B 83 12.99 17.60 8.16
N PHE B 84 13.05 17.42 9.48
CA PHE B 84 12.78 16.12 10.09
C PHE B 84 11.29 15.80 10.04
N SER B 85 10.94 14.57 9.69
CA SER B 85 9.59 14.03 9.88
C SER B 85 9.67 12.64 10.49
N GLU B 86 8.72 12.29 11.34
CA GLU B 86 8.64 10.94 11.90
C GLU B 86 8.28 9.85 10.91
N GLN B 87 7.62 10.18 9.80
CA GLN B 87 7.14 9.16 8.87
C GLN B 87 8.19 8.75 7.85
N CYS B 88 9.31 9.50 7.80
CA CYS B 88 10.34 9.30 6.80
C CYS B 88 11.36 8.30 7.35
N TYR B 89 12.12 7.70 6.43
CA TYR B 89 13.16 6.75 6.74
C TYR B 89 14.53 7.43 6.83
N TYR B 90 15.36 6.96 7.75
CA TYR B 90 16.69 7.51 7.94
C TYR B 90 17.69 6.38 8.05
N VAL B 91 18.97 6.72 7.86
CA VAL B 91 20.13 5.88 8.24
C VAL B 91 21.13 6.72 9.14
N PHE B 92 22.09 6.03 9.75
CA PHE B 92 23.11 6.71 10.57
C PHE B 92 24.08 7.50 9.69
N GLY B 93 24.58 8.61 10.22
CA GLY B 93 25.71 9.37 9.61
C GLY B 93 27.04 8.65 9.89
N ASP B 94 28.13 9.38 9.79
CA ASP B 94 29.51 8.87 9.97
C ASP B 94 29.76 8.12 11.28
N LEU B 95 29.71 8.84 12.41
CA LEU B 95 30.13 8.32 13.71
C LEU B 95 31.62 7.96 13.69
N SER C 2 -21.79 25.30 -14.03
CA SER C 2 -22.22 26.63 -14.55
C SER C 2 -23.39 27.21 -13.74
N GLY C 3 -24.36 26.34 -13.40
CA GLY C 3 -25.54 26.70 -12.62
C GLY C 3 -25.84 25.80 -11.41
N LEU C 4 -24.80 25.23 -10.78
CA LEU C 4 -24.89 24.77 -9.39
C LEU C 4 -24.00 25.72 -8.55
N SER C 5 -24.47 26.04 -7.36
CA SER C 5 -23.74 26.92 -6.42
C SER C 5 -24.05 26.50 -4.98
N VAL C 6 -23.35 27.12 -4.02
CA VAL C 6 -23.65 27.01 -2.55
C VAL C 6 -25.07 27.46 -2.13
N HIS C 7 -25.80 28.13 -3.03
CA HIS C 7 -27.20 28.47 -2.83
C HIS C 7 -28.20 27.40 -3.32
N THR C 8 -27.74 26.40 -4.08
CA THR C 8 -28.61 25.36 -4.60
C THR C 8 -28.97 24.44 -3.45
N ASP C 9 -30.24 24.03 -3.35
CA ASP C 9 -30.65 22.79 -2.65
C ASP C 9 -29.55 21.65 -2.54
N MET C 10 -29.17 21.20 -1.34
CA MET C 10 -28.16 20.13 -1.17
C MET C 10 -28.53 18.82 -1.82
N ALA C 11 -29.76 18.39 -1.60
CA ALA C 11 -30.24 17.12 -2.15
C ALA C 11 -30.17 17.09 -3.69
N SER C 12 -30.40 18.23 -4.33
CA SER C 12 -30.36 18.38 -5.78
C SER C 12 -28.88 18.26 -6.32
N VAL C 13 -27.94 18.96 -5.68
CA VAL C 13 -26.47 18.79 -5.87
C VAL C 13 -25.98 17.33 -5.80
N THR C 14 -26.39 16.63 -4.74
CA THR C 14 -26.05 15.23 -4.57
C THR C 14 -26.61 14.40 -5.71
N LYS C 15 -27.87 14.63 -6.06
CA LYS C 15 -28.48 14.02 -7.22
C LYS C 15 -27.74 14.25 -8.54
N ALA C 16 -27.31 15.49 -8.79
CA ALA C 16 -26.48 15.84 -9.96
C ALA C 16 -25.21 15.05 -10.02
N MET C 17 -24.51 15.00 -8.86
CA MET C 17 -23.28 14.17 -8.71
C MET C 17 -23.55 12.64 -8.89
N ALA C 18 -24.72 12.19 -8.46
CA ALA C 18 -25.15 10.77 -8.63
C ALA C 18 -25.64 10.33 -10.05
N ALA C 19 -25.90 11.26 -10.99
CA ALA C 19 -26.49 10.91 -12.31
C ALA C 19 -25.45 10.24 -13.21
N PRO C 20 -25.90 9.46 -14.22
CA PRO C 20 -24.89 9.03 -15.24
C PRO C 20 -24.12 10.19 -15.88
N GLU C 21 -22.86 9.94 -16.19
CA GLU C 21 -22.00 10.91 -16.90
C GLU C 21 -21.73 12.23 -16.16
N SER C 22 -21.87 12.23 -14.83
CA SER C 22 -21.59 13.46 -14.02
C SER C 22 -20.09 13.78 -13.91
N GLY C 23 -19.28 12.75 -14.13
CA GLY C 23 -17.85 12.85 -14.08
C GLY C 23 -17.28 12.44 -12.74
N LEU C 24 -18.11 12.23 -11.71
CA LEU C 24 -17.60 11.69 -10.43
C LEU C 24 -17.09 10.31 -10.70
N GLU C 25 -15.93 10.00 -10.16
CA GLU C 25 -15.35 8.65 -10.13
C GLU C 25 -16.18 7.69 -9.22
N VAL C 26 -16.94 6.78 -9.85
CA VAL C 26 -17.90 5.89 -9.20
C VAL C 26 -17.63 4.51 -9.77
N ARG C 27 -17.50 3.52 -8.90
CA ARG C 27 -16.90 2.26 -9.24
C ARG C 27 -17.32 1.17 -8.26
N ASP C 28 -17.40 -0.05 -8.78
CA ASP C 28 -17.82 -1.21 -8.01
C ASP C 28 -16.71 -1.78 -7.07
N ARG C 29 -16.03 -0.94 -6.30
CA ARG C 29 -14.95 -1.44 -5.40
C ARG C 29 -14.76 -0.56 -4.17
N MET C 30 -14.04 -1.09 -3.20
CA MET C 30 -13.56 -0.28 -2.07
C MET C 30 -12.35 -1.00 -1.51
N TRP C 31 -11.47 -0.24 -0.90
CA TRP C 31 -10.27 -0.76 -0.26
C TRP C 31 -10.26 -0.37 1.22
N LEU C 32 -9.90 -1.32 2.06
CA LEU C 32 -9.97 -1.19 3.47
C LEU C 32 -8.60 -1.46 4.09
N LYS C 33 -8.13 -0.56 4.97
CA LYS C 33 -6.93 -0.83 5.77
C LYS C 33 -7.32 -1.60 7.07
N ILE C 34 -6.89 -2.87 7.22
CA ILE C 34 -7.03 -3.59 8.50
C ILE C 34 -5.69 -3.57 9.26
N THR C 35 -5.74 -3.31 10.57
CA THR C 35 -4.54 -3.57 11.47
C THR C 35 -4.48 -5.02 11.98
N ILE C 36 -3.46 -5.76 11.53
CA ILE C 36 -3.25 -7.17 11.83
C ILE C 36 -1.80 -7.31 12.18
N PRO C 37 -1.47 -7.45 13.48
CA PRO C 37 -0.05 -7.52 13.81
C PRO C 37 0.65 -8.74 13.23
N ASN C 38 1.85 -8.57 12.70
CA ASN C 38 2.61 -9.68 12.13
C ASN C 38 1.95 -10.47 10.98
N ALA C 39 1.29 -9.73 10.09
CA ALA C 39 0.78 -10.26 8.81
C ALA C 39 1.86 -10.08 7.71
N PHE C 40 1.87 -11.01 6.76
CA PHE C 40 2.85 -11.09 5.70
C PHE C 40 2.20 -11.54 4.39
N LEU C 41 2.86 -11.16 3.31
CA LEU C 41 2.37 -11.28 1.98
C LEU C 41 2.93 -12.65 1.48
N GLY C 42 2.17 -13.36 0.63
CA GLY C 42 2.59 -14.62 0.06
C GLY C 42 3.94 -14.57 -0.61
N SER C 43 4.15 -13.56 -1.46
CA SER C 43 5.45 -13.40 -2.14
C SER C 43 6.68 -13.29 -1.18
N ASP C 44 6.53 -12.62 -0.04
CA ASP C 44 7.58 -12.61 1.02
C ASP C 44 7.85 -13.98 1.69
N VAL C 45 6.83 -14.84 1.77
CA VAL C 45 7.04 -16.22 2.26
C VAL C 45 7.86 -17.05 1.29
N VAL C 46 7.52 -16.97 0.01
CA VAL C 46 8.27 -17.69 -1.04
C VAL C 46 9.74 -17.23 -1.05
N ASP C 47 9.92 -15.92 -1.02
CA ASP C 47 11.25 -15.29 -1.01
C ASP C 47 12.03 -15.80 0.18
N TRP C 48 11.42 -15.77 1.38
CA TRP C 48 12.11 -16.30 2.58
C TRP C 48 12.52 -17.77 2.40
N LEU C 49 11.58 -18.60 1.94
CA LEU C 49 11.86 -20.01 1.72
C LEU C 49 12.94 -20.23 0.66
N TYR C 50 12.94 -19.41 -0.40
CA TYR C 50 13.90 -19.62 -1.51
C TYR C 50 15.32 -19.26 -1.13
N HIS C 51 15.43 -18.29 -0.24
CA HIS C 51 16.70 -17.80 0.20
C HIS C 51 17.23 -18.56 1.43
N HIS C 52 16.39 -19.26 2.20
CA HIS C 52 16.89 -19.83 3.49
C HIS C 52 16.86 -21.34 3.61
N VAL C 53 16.27 -22.03 2.63
CA VAL C 53 15.98 -23.46 2.69
C VAL C 53 16.59 -24.13 1.48
N GLU C 54 17.57 -25.00 1.73
CA GLU C 54 18.38 -25.57 0.65
C GLU C 54 17.59 -26.67 -0.06
N GLY C 55 17.78 -26.80 -1.38
CA GLY C 55 17.17 -27.87 -2.18
C GLY C 55 16.03 -27.44 -3.09
N PHE C 56 15.81 -26.13 -3.25
CA PHE C 56 14.84 -25.61 -4.24
C PHE C 56 15.54 -25.27 -5.55
N PRO C 57 15.41 -26.14 -6.60
CA PRO C 57 16.16 -25.95 -7.84
C PRO C 57 15.83 -24.63 -8.53
N GLU C 58 14.54 -24.22 -8.51
CA GLU C 58 14.14 -22.89 -8.96
C GLU C 58 13.10 -22.32 -7.99
N ARG C 59 12.75 -21.05 -8.20
CA ARG C 59 11.83 -20.34 -7.31
C ARG C 59 10.39 -20.91 -7.30
N ARG C 60 9.94 -21.56 -8.37
CA ARG C 60 8.57 -22.10 -8.41
C ARG C 60 8.37 -23.25 -7.44
N GLU C 61 9.44 -23.99 -7.17
CA GLU C 61 9.41 -25.09 -6.20
C GLU C 61 9.20 -24.56 -4.78
N ALA C 62 9.79 -23.40 -4.48
CA ALA C 62 9.52 -22.65 -3.24
C ALA C 62 8.06 -22.23 -3.11
N ARG C 63 7.45 -21.83 -4.24
CA ARG C 63 6.03 -21.51 -4.29
C ARG C 63 5.13 -22.66 -3.90
N LYS C 64 5.39 -23.83 -4.47
CA LYS C 64 4.57 -25.02 -4.23
C LYS C 64 4.68 -25.48 -2.79
N TYR C 65 5.89 -25.40 -2.24
CA TYR C 65 6.15 -25.65 -0.82
C TYR C 65 5.28 -24.66 -0.01
N ALA C 66 5.32 -23.37 -0.34
CA ALA C 66 4.45 -22.38 0.35
C ALA C 66 2.97 -22.74 0.31
N SER C 67 2.48 -23.20 -0.85
CA SER C 67 1.10 -23.71 -0.95
C SER C 67 0.83 -24.88 0.03
N GLY C 68 1.78 -25.81 0.13
CA GLY C 68 1.76 -26.93 1.12
C GLY C 68 1.80 -26.50 2.61
N LEU C 69 2.35 -25.34 2.90
CA LEU C 69 2.19 -24.75 4.25
C LEU C 69 0.78 -24.31 4.51
N LEU C 70 0.17 -23.63 3.54
CA LEU C 70 -1.24 -23.24 3.65
C LEU C 70 -2.17 -24.46 3.78
N LYS C 71 -1.89 -25.50 2.99
CA LYS C 71 -2.76 -26.67 2.96
C LYS C 71 -2.74 -27.40 4.29
N ALA C 72 -1.53 -27.56 4.86
CA ALA C 72 -1.32 -28.16 6.19
C ALA C 72 -1.73 -27.26 7.39
N GLY C 73 -2.07 -26.00 7.19
CA GLY C 73 -2.54 -25.12 8.28
C GLY C 73 -1.46 -24.38 9.07
N LEU C 74 -0.22 -24.42 8.58
CA LEU C 74 0.93 -23.83 9.26
C LEU C 74 0.97 -22.33 9.07
N ILE C 75 0.42 -21.88 7.92
CA ILE C 75 -0.06 -20.51 7.69
C ILE C 75 -1.55 -20.53 7.28
N ARG C 76 -2.16 -19.36 7.36
CA ARG C 76 -3.61 -19.21 7.26
C ARG C 76 -3.87 -17.91 6.52
N HIS C 77 -4.77 -17.97 5.54
CA HIS C 77 -5.35 -16.79 4.88
C HIS C 77 -6.00 -15.90 5.93
N THR C 78 -5.93 -14.57 5.76
CA THR C 78 -6.65 -13.63 6.60
C THR C 78 -8.16 -13.49 6.27
N VAL C 79 -8.60 -13.96 5.09
CA VAL C 79 -10.03 -14.09 4.77
C VAL C 79 -10.37 -15.52 4.31
N ASN C 80 -11.63 -15.75 3.98
CA ASN C 80 -12.06 -17.07 3.56
C ASN C 80 -11.67 -17.33 2.13
N LYS C 81 -10.43 -17.84 1.94
CA LYS C 81 -9.99 -18.42 0.67
C LYS C 81 -9.42 -19.80 0.91
N ILE C 82 -9.23 -20.56 -0.16
CA ILE C 82 -8.52 -21.84 -0.09
C ILE C 82 -7.21 -21.78 -0.87
N THR C 83 -7.23 -21.36 -2.14
CA THR C 83 -6.03 -21.48 -2.99
C THR C 83 -4.94 -20.46 -2.64
N PHE C 84 -3.69 -20.89 -2.70
CA PHE C 84 -2.55 -20.04 -2.38
C PHE C 84 -2.32 -18.99 -3.48
N SER C 85 -2.15 -17.73 -3.08
CA SER C 85 -1.73 -16.65 -3.99
C SER C 85 -0.62 -15.76 -3.36
N GLU C 86 0.47 -15.53 -4.10
CA GLU C 86 1.57 -14.64 -3.68
C GLU C 86 1.15 -13.19 -3.36
N GLN C 87 -0.03 -12.79 -3.84
CA GLN C 87 -0.56 -11.42 -3.63
C GLN C 87 -1.39 -11.21 -2.34
N CSO C 88 -1.82 -12.29 -1.66
CA CSO C 88 -2.68 -12.18 -0.48
CB CSO C 88 -3.62 -13.37 -0.28
SG CSO C 88 -4.58 -13.85 -1.70
C CSO C 88 -1.86 -12.09 0.82
O CSO C 88 -0.66 -12.47 0.87
OD CSO C 88 -5.71 -12.49 -1.73
N TYR C 89 -2.52 -11.64 1.88
CA TYR C 89 -1.89 -11.57 3.23
C TYR C 89 -2.19 -12.81 4.06
N TYR C 90 -1.16 -13.37 4.72
CA TYR C 90 -1.28 -14.48 5.64
C TYR C 90 -0.81 -14.15 7.06
N VAL C 91 -1.24 -15.00 8.00
CA VAL C 91 -0.70 -15.06 9.34
C VAL C 91 -0.29 -16.53 9.66
N PHE C 92 0.38 -16.72 10.78
CA PHE C 92 0.76 -18.07 11.30
C PHE C 92 -0.36 -18.88 11.94
N GLY C 93 -0.37 -20.19 11.71
CA GLY C 93 -1.34 -21.07 12.41
C GLY C 93 -0.92 -21.31 13.85
N ASP C 94 -1.61 -22.19 14.57
CA ASP C 94 -1.16 -22.61 15.90
C ASP C 94 0.16 -23.40 15.83
N LEU C 95 1.17 -22.85 16.50
CA LEU C 95 2.47 -23.44 16.59
C LEU C 95 2.91 -23.75 18.03
N SER C 96 1.96 -23.91 18.96
CA SER C 96 2.28 -24.40 20.32
C SER C 96 1.75 -25.82 20.54
N SER D 2 21.92 -22.59 5.90
CA SER D 2 21.98 -23.95 5.33
C SER D 2 21.81 -25.08 6.37
N GLY D 3 21.26 -24.76 7.53
CA GLY D 3 20.80 -25.77 8.43
C GLY D 3 19.40 -26.27 8.13
N LEU D 4 18.71 -25.69 7.13
CA LEU D 4 17.31 -26.01 6.82
C LEU D 4 17.25 -26.52 5.37
N SER D 5 16.60 -27.64 5.12
CA SER D 5 16.40 -28.05 3.70
C SER D 5 15.01 -28.62 3.41
N VAL D 6 14.85 -29.12 2.18
CA VAL D 6 13.64 -29.82 1.77
C VAL D 6 13.44 -31.14 2.47
N HIS D 7 14.49 -31.63 3.11
CA HIS D 7 14.42 -32.76 4.04
C HIS D 7 13.85 -32.41 5.44
N THR D 8 13.89 -31.15 5.83
CA THR D 8 13.50 -30.80 7.23
C THR D 8 11.99 -30.91 7.39
N ASP D 9 11.54 -31.36 8.57
CA ASP D 9 10.16 -31.22 9.13
C ASP D 9 9.50 -29.87 8.75
N MET D 10 8.29 -29.93 8.16
CA MET D 10 7.58 -28.70 7.75
C MET D 10 7.24 -27.78 8.92
N ALA D 11 6.71 -28.35 10.01
CA ALA D 11 6.38 -27.54 11.21
C ALA D 11 7.67 -26.85 11.75
N SER D 12 8.82 -27.52 11.73
CA SER D 12 10.07 -26.91 12.23
C SER D 12 10.52 -25.79 11.29
N VAL D 13 10.41 -25.98 9.97
CA VAL D 13 10.70 -24.88 9.03
C VAL D 13 9.82 -23.62 9.31
N THR D 14 8.53 -23.81 9.55
CA THR D 14 7.63 -22.67 9.82
C THR D 14 7.93 -21.94 11.16
N LYS D 15 8.16 -22.71 12.22
CA LYS D 15 8.60 -22.17 13.54
C LYS D 15 9.87 -21.35 13.37
N ALA D 16 10.82 -21.86 12.54
CA ALA D 16 11.99 -21.05 12.15
C ALA D 16 11.64 -19.72 11.53
N MET D 17 10.76 -19.77 10.53
CA MET D 17 10.32 -18.58 9.83
C MET D 17 9.59 -17.65 10.79
N ALA D 18 8.87 -18.20 11.76
CA ALA D 18 8.09 -17.35 12.70
C ALA D 18 8.92 -16.72 13.87
N ALA D 19 10.19 -17.09 13.98
CA ALA D 19 11.04 -16.69 15.12
C ALA D 19 11.51 -15.21 15.05
N PRO D 20 11.64 -14.56 16.22
CA PRO D 20 12.22 -13.22 16.20
C PRO D 20 13.49 -13.20 15.40
N GLU D 21 13.61 -12.19 14.55
CA GLU D 21 14.77 -11.92 13.72
C GLU D 21 15.02 -12.94 12.63
N SER D 22 14.02 -13.76 12.27
CA SER D 22 14.20 -14.74 11.14
C SER D 22 14.54 -14.12 9.78
N GLY D 23 14.13 -12.87 9.57
CA GLY D 23 14.30 -12.21 8.28
C GLY D 23 13.02 -12.08 7.48
N LEU D 24 11.97 -12.81 7.86
CA LEU D 24 10.70 -12.69 7.15
C LEU D 24 10.13 -11.26 7.23
N GLU D 25 9.87 -10.65 6.07
CA GLU D 25 9.32 -9.27 6.04
C GLU D 25 7.85 -9.31 6.49
N VAL D 26 7.53 -8.56 7.56
CA VAL D 26 6.17 -8.55 8.14
C VAL D 26 5.70 -7.09 8.37
N ARG D 27 4.39 -6.91 8.55
CA ARG D 27 3.79 -5.59 8.70
C ARG D 27 2.54 -5.67 9.55
N ASP D 28 2.22 -4.57 10.22
CA ASP D 28 1.02 -4.49 11.08
C ASP D 28 -0.23 -4.00 10.35
N ARG D 29 -0.15 -3.72 9.05
CA ARG D 29 -1.33 -3.34 8.23
C ARG D 29 -1.56 -4.27 7.03
N MET D 30 -2.82 -4.43 6.62
CA MET D 30 -3.15 -4.99 5.29
C MET D 30 -4.30 -4.26 4.60
N TRP D 31 -4.28 -4.33 3.27
CA TRP D 31 -5.29 -3.70 2.42
C TRP D 31 -6.19 -4.79 1.78
N LEU D 32 -7.49 -4.68 1.93
CA LEU D 32 -8.41 -5.66 1.32
C LEU D 32 -9.38 -5.03 0.30
N LYS D 33 -9.56 -5.68 -0.87
CA LYS D 33 -10.55 -5.27 -1.86
C LYS D 33 -11.91 -5.96 -1.61
N ILE D 34 -12.95 -5.14 -1.53
CA ILE D 34 -14.32 -5.58 -1.34
C ILE D 34 -15.05 -5.11 -2.60
N THR D 35 -15.81 -6.00 -3.23
CA THR D 35 -16.63 -5.56 -4.36
C THR D 35 -17.93 -4.91 -3.83
N ILE D 36 -18.09 -3.60 -4.05
CA ILE D 36 -19.27 -2.86 -3.56
C ILE D 36 -19.81 -1.98 -4.69
N PRO D 37 -21.09 -2.19 -5.08
CA PRO D 37 -21.51 -1.46 -6.29
C PRO D 37 -21.60 0.03 -6.03
N ASN D 38 -21.09 0.82 -6.96
CA ASN D 38 -21.27 2.24 -6.99
C ASN D 38 -20.63 3.03 -5.80
N ALA D 39 -19.39 2.65 -5.46
CA ALA D 39 -18.69 3.27 -4.30
C ALA D 39 -17.69 4.29 -4.83
N PHE D 40 -17.46 5.36 -4.04
CA PHE D 40 -16.57 6.49 -4.37
C PHE D 40 -15.74 7.00 -3.15
N LEU D 41 -14.58 7.55 -3.48
CA LEU D 41 -13.57 7.90 -2.52
C LEU D 41 -13.95 9.28 -2.11
N GLY D 42 -13.76 9.59 -0.82
CA GLY D 42 -14.03 10.90 -0.25
C GLY D 42 -13.29 12.02 -0.96
N SER D 43 -11.99 11.85 -1.29
CA SER D 43 -11.25 12.87 -2.09
C SER D 43 -11.83 13.06 -3.51
N ASP D 44 -12.40 12.02 -4.12
CA ASP D 44 -13.07 12.24 -5.41
C ASP D 44 -14.34 13.09 -5.26
N VAL D 45 -15.09 12.95 -4.17
CA VAL D 45 -16.30 13.80 -3.93
C VAL D 45 -15.86 15.25 -3.77
N VAL D 46 -14.86 15.48 -2.91
CA VAL D 46 -14.41 16.87 -2.67
C VAL D 46 -13.91 17.53 -4.00
N ASP D 47 -13.05 16.86 -4.78
CA ASP D 47 -12.68 17.30 -6.16
C ASP D 47 -13.90 17.66 -7.04
N TRP D 48 -14.94 16.82 -7.02
CA TRP D 48 -16.09 16.97 -7.90
C TRP D 48 -16.87 18.21 -7.52
N LEU D 49 -17.02 18.44 -6.22
CA LEU D 49 -17.64 19.68 -5.70
C LEU D 49 -16.85 20.98 -6.02
N TYR D 50 -15.57 21.01 -5.70
CA TYR D 50 -14.75 22.22 -5.98
C TYR D 50 -14.77 22.61 -7.48
N HIS D 51 -14.80 21.64 -8.38
CA HIS D 51 -14.82 21.91 -9.82
C HIS D 51 -16.19 22.23 -10.46
N HIS D 52 -17.28 21.66 -9.94
CA HIS D 52 -18.61 21.82 -10.57
C HIS D 52 -19.62 22.62 -9.78
N VAL D 53 -19.28 23.10 -8.59
CA VAL D 53 -20.20 23.92 -7.79
C VAL D 53 -19.56 25.29 -7.57
N GLU D 54 -20.32 26.35 -7.81
CA GLU D 54 -19.87 27.76 -7.65
C GLU D 54 -19.97 28.27 -6.20
N GLY D 55 -19.05 29.16 -5.84
CA GLY D 55 -19.01 29.79 -4.52
C GLY D 55 -18.09 29.20 -3.45
N PHE D 56 -17.09 28.40 -3.83
CA PHE D 56 -16.06 27.91 -2.87
C PHE D 56 -14.74 28.69 -3.04
N PRO D 57 -14.43 29.59 -2.11
CA PRO D 57 -13.19 30.35 -2.30
C PRO D 57 -11.93 29.46 -2.32
N GLU D 58 -11.95 28.32 -1.61
CA GLU D 58 -10.89 27.33 -1.72
C GLU D 58 -11.34 25.88 -1.39
N ARG D 59 -10.41 24.95 -1.41
CA ARG D 59 -10.73 23.52 -1.29
C ARG D 59 -11.29 23.14 0.09
N ARG D 60 -10.82 23.78 1.17
CA ARG D 60 -11.33 23.49 2.53
C ARG D 60 -12.83 23.79 2.72
N GLU D 61 -13.40 24.76 2.00
CA GLU D 61 -14.85 24.96 2.03
C GLU D 61 -15.61 23.83 1.30
N ALA D 62 -15.05 23.32 0.20
CA ALA D 62 -15.59 22.13 -0.45
C ALA D 62 -15.55 20.93 0.46
N ARG D 63 -14.44 20.74 1.20
CA ARG D 63 -14.33 19.60 2.12
C ARG D 63 -15.42 19.67 3.16
N LYS D 64 -15.70 20.87 3.67
CA LYS D 64 -16.73 21.07 4.69
C LYS D 64 -18.16 20.76 4.20
N TYR D 65 -18.48 21.18 2.99
CA TYR D 65 -19.79 20.85 2.37
C TYR D 65 -19.98 19.34 2.33
N ALA D 66 -18.91 18.63 1.96
CA ALA D 66 -18.95 17.17 1.82
C ALA D 66 -19.21 16.51 3.16
N SER D 67 -18.65 17.12 4.19
CA SER D 67 -18.78 16.62 5.52
C SER D 67 -20.20 16.85 5.99
N GLY D 68 -20.77 17.99 5.58
CA GLY D 68 -22.23 18.28 5.65
C GLY D 68 -23.12 17.27 4.90
N LEU D 69 -22.67 16.83 3.72
CA LEU D 69 -23.43 15.80 2.96
C LEU D 69 -23.56 14.46 3.69
N LEU D 70 -22.48 14.04 4.37
CA LEU D 70 -22.50 12.84 5.23
C LEU D 70 -23.41 13.02 6.44
N LYS D 71 -23.33 14.18 7.10
CA LYS D 71 -24.19 14.45 8.24
C LYS D 71 -25.68 14.35 7.89
N ALA D 72 -26.11 14.89 6.74
CA ALA D 72 -27.52 14.85 6.34
C ALA D 72 -28.00 13.49 5.89
N GLY D 73 -27.11 12.51 5.73
CA GLY D 73 -27.52 11.18 5.25
C GLY D 73 -27.54 11.07 3.72
N LEU D 74 -27.09 12.10 3.00
CA LEU D 74 -27.05 12.13 1.53
C LEU D 74 -25.96 11.26 0.92
N ILE D 75 -24.80 11.24 1.59
CA ILE D 75 -23.80 10.16 1.36
C ILE D 75 -23.61 9.38 2.68
N ARG D 76 -23.14 8.14 2.59
CA ARG D 76 -23.04 7.27 3.76
C ARG D 76 -21.70 6.57 3.78
N HIS D 77 -21.15 6.36 4.98
CA HIS D 77 -19.98 5.52 5.23
C HIS D 77 -20.18 4.06 4.92
N THR D 78 -19.16 3.38 4.44
CA THR D 78 -19.28 1.92 4.17
C THR D 78 -18.80 1.09 5.39
N VAL D 79 -17.95 1.65 6.26
CA VAL D 79 -17.72 1.08 7.62
C VAL D 79 -18.17 2.07 8.67
N ASN D 80 -18.83 1.58 9.74
CA ASN D 80 -19.29 2.47 10.83
C ASN D 80 -18.21 3.44 11.35
N LYS D 81 -18.26 4.66 10.83
CA LYS D 81 -17.48 5.74 11.35
C LYS D 81 -18.35 6.99 11.41
N ILE D 82 -18.15 7.77 12.47
CA ILE D 82 -18.86 9.03 12.66
C ILE D 82 -18.30 9.98 11.60
N THR D 83 -17.09 10.48 11.82
CA THR D 83 -16.61 11.67 11.14
C THR D 83 -16.23 11.47 9.65
N PHE D 84 -16.30 12.55 8.88
CA PHE D 84 -15.86 12.55 7.46
C PHE D 84 -14.31 12.47 7.31
N SER D 85 -13.84 11.68 6.32
CA SER D 85 -12.39 11.61 5.94
C SER D 85 -12.17 11.33 4.43
N GLU D 86 -11.17 12.00 3.84
CA GLU D 86 -11.01 11.92 2.41
C GLU D 86 -10.46 10.57 1.85
N GLN D 87 -9.91 9.70 2.69
CA GLN D 87 -9.33 8.43 2.25
C GLN D 87 -10.26 7.27 2.52
N CSO D 88 -11.47 7.52 3.07
CA CSO D 88 -12.49 6.47 3.30
CB CSO D 88 -13.39 6.81 4.49
SG CSO D 88 -12.64 6.56 6.09
C CSO D 88 -13.45 6.41 2.10
O CSO D 88 -13.59 7.41 1.38
OD CSO D 88 -12.04 4.91 6.14
N TYR D 89 -14.12 5.25 1.92
CA TYR D 89 -15.10 5.05 0.81
C TYR D 89 -16.57 5.20 1.18
N TYR D 90 -17.38 5.80 0.29
CA TYR D 90 -18.81 6.08 0.57
C TYR D 90 -19.72 5.59 -0.54
N VAL D 91 -21.02 5.45 -0.24
CA VAL D 91 -22.06 5.21 -1.25
C VAL D 91 -23.17 6.27 -1.08
N PHE D 92 -24.04 6.36 -2.06
CA PHE D 92 -25.15 7.29 -1.97
C PHE D 92 -26.18 6.86 -0.97
N GLY D 93 -26.84 7.86 -0.38
CA GLY D 93 -27.90 7.66 0.60
C GLY D 93 -29.21 7.49 -0.12
N ASP D 94 -30.31 7.62 0.62
CA ASP D 94 -31.64 7.55 0.03
C ASP D 94 -31.88 8.79 -0.82
N LEU D 95 -31.97 8.58 -2.13
CA LEU D 95 -32.26 9.65 -3.07
C LEU D 95 -33.62 9.42 -3.71
S SO4 E . -11.12 -19.80 -3.39
O1 SO4 E . -9.76 -19.99 -3.96
O2 SO4 E . -11.18 -19.95 -1.92
O3 SO4 E . -11.54 -18.44 -3.74
O4 SO4 E . -12.04 -20.83 -3.94
#